data_2GCT
#
_entry.id   2GCT
#
_cell.length_a   69.800
_cell.length_b   69.800
_cell.length_c   98.100
_cell.angle_alpha   90.00
_cell.angle_beta   90.00
_cell.angle_gamma   90.00
#
_symmetry.space_group_name_H-M   'P 42 21 2'
#
loop_
_entity.id
_entity.type
_entity.pdbx_description
1 polymer 'GAMMA-CHYMOTRYPSIN A'
2 polymer 'GAMMA-CHYMOTRYPSIN A'
3 polymer 'GAMMA-CHYMOTRYPSIN A'
4 polymer 'TETRAPEPTIDE ADDUCT'
5 non-polymer 'SULFATE ION'
6 water water
#
loop_
_entity_poly.entity_id
_entity_poly.type
_entity_poly.pdbx_seq_one_letter_code
_entity_poly.pdbx_strand_id
1 'polypeptide(L)' CGVPAIQPVLSGL A
2 'polypeptide(L)'
;IVNGEEAVPGSWPWQVSLQDKTGFHFCGGSLINENWVVTAAHCGVTTSDVVVAGEFDQGSSSEKIQKLKIAKVFKNSKYN
SLTINNDITLLKLSTAASFSQTVSAVCLPSASDDFAAGTTCVTTGWGLTRY
;
B
3 'polypeptide(L)'
;ANTPDRLQQASLPLLSNTNCKKYWGTKIKDAMICAGASGVSSCMGDSGGPLVCKKNGAWTLVGIVSWGSSTCSTSTPGVY
ARVTALVNWVQQTLAAN
;
C
4 'polypeptide(L)' (UNK)PGAY D
#
loop_
_chem_comp.id
_chem_comp.type
_chem_comp.name
_chem_comp.formula
SO4 non-polymer 'SULFATE ION' 'O4 S -2'
#
# COMPACT_ATOMS: atom_id res chain seq x y z
N CYS A 1 9.67 10.45 -9.32
CA CYS A 1 8.95 9.40 -8.61
C CYS A 1 8.78 8.21 -9.54
N GLY A 2 8.45 7.05 -9.01
CA GLY A 2 8.07 5.84 -9.75
C GLY A 2 9.08 5.08 -10.62
N VAL A 3 10.33 5.47 -10.47
CA VAL A 3 11.52 4.97 -11.18
C VAL A 3 12.60 4.62 -10.17
N PRO A 4 12.53 3.38 -9.77
CA PRO A 4 13.43 2.86 -8.79
C PRO A 4 14.84 2.75 -9.34
N ALA A 5 15.84 3.02 -8.46
CA ALA A 5 17.27 2.89 -8.84
C ALA A 5 17.59 1.44 -9.13
N ILE A 6 16.99 0.54 -8.35
CA ILE A 6 17.20 -0.87 -8.55
C ILE A 6 15.96 -1.47 -9.15
N GLN A 7 16.08 -2.08 -10.32
CA GLN A 7 14.91 -2.58 -11.03
C GLN A 7 14.23 -3.81 -10.57
N PRO A 8 12.85 -3.69 -10.42
CA PRO A 8 12.04 -4.81 -10.01
C PRO A 8 12.13 -5.83 -11.06
N VAL A 9 12.02 -7.04 -10.59
CA VAL A 9 12.10 -8.21 -11.43
C VAL A 9 10.94 -9.12 -11.12
N LEU A 10 10.09 -9.19 -12.11
CA LEU A 10 8.80 -9.87 -12.17
C LEU A 10 8.48 -11.32 -12.54
N SER A 11 9.23 -12.06 -13.32
N ILE B 1 1.34 -11.40 1.48
CA ILE B 1 0.85 -11.82 0.20
C ILE B 1 0.93 -13.34 0.09
N VAL B 2 -0.16 -13.90 -0.38
CA VAL B 2 -0.24 -15.32 -0.57
C VAL B 2 0.07 -15.61 -2.03
N ASN B 3 1.08 -16.42 -2.20
CA ASN B 3 1.50 -16.89 -3.47
C ASN B 3 2.28 -15.90 -4.24
N GLY B 4 2.91 -14.99 -3.51
CA GLY B 4 3.72 -14.01 -4.18
C GLY B 4 5.16 -14.51 -4.28
N GLU B 5 6.10 -13.63 -4.37
CA GLU B 5 7.48 -14.03 -4.47
C GLU B 5 8.34 -13.00 -3.84
N GLU B 6 9.54 -13.42 -3.48
CA GLU B 6 10.47 -12.47 -2.88
C GLU B 6 10.77 -11.48 -3.95
N ALA B 7 10.96 -10.23 -3.55
CA ALA B 7 11.32 -9.13 -4.41
C ALA B 7 12.80 -9.03 -4.39
N VAL B 8 13.29 -8.37 -5.42
CA VAL B 8 14.69 -8.05 -5.50
C VAL B 8 14.83 -6.95 -4.46
N PRO B 9 15.74 -7.12 -3.55
CA PRO B 9 15.93 -6.14 -2.50
C PRO B 9 16.13 -4.71 -2.97
N GLY B 10 15.38 -3.79 -2.34
CA GLY B 10 15.40 -2.38 -2.62
C GLY B 10 14.72 -2.00 -3.96
N SER B 11 14.05 -2.96 -4.61
CA SER B 11 13.44 -2.62 -5.87
C SER B 11 12.12 -1.89 -5.75
N TRP B 12 11.59 -1.76 -4.57
CA TRP B 12 10.33 -1.07 -4.39
C TRP B 12 10.66 -0.07 -3.33
N PRO B 13 11.43 0.90 -3.71
CA PRO B 13 11.92 1.84 -2.73
C PRO B 13 10.97 2.68 -1.95
N TRP B 14 9.71 2.75 -2.38
CA TRP B 14 8.73 3.55 -1.66
C TRP B 14 8.03 2.72 -0.59
N GLN B 15 8.25 1.42 -0.51
CA GLN B 15 7.55 0.66 0.52
C GLN B 15 8.14 0.80 1.89
N VAL B 16 7.29 1.10 2.86
CA VAL B 16 7.70 1.28 4.19
C VAL B 16 6.88 0.32 5.04
N SER B 17 7.34 0.16 6.25
CA SER B 17 6.69 -0.69 7.20
C SER B 17 6.30 0.14 8.39
N LEU B 18 5.12 -0.11 8.92
CA LEU B 18 4.68 0.63 10.09
C LEU B 18 4.90 -0.25 11.32
N GLN B 19 5.67 0.25 12.27
CA GLN B 19 5.91 -0.60 13.44
C GLN B 19 5.55 0.12 14.76
N ASP B 20 4.95 -0.65 15.69
CA ASP B 20 4.59 -0.10 17.01
C ASP B 20 5.78 -0.07 17.96
N LYS B 21 5.66 0.53 19.12
CA LYS B 21 6.81 0.55 19.97
C LYS B 21 7.46 -0.78 20.42
N THR B 22 6.67 -1.86 20.40
CA THR B 22 7.19 -3.15 20.73
C THR B 22 7.97 -3.77 19.59
N GLY B 23 8.03 -3.03 18.46
CA GLY B 23 8.70 -3.46 17.24
C GLY B 23 7.84 -4.32 16.34
N PHE B 24 6.57 -4.49 16.60
CA PHE B 24 5.79 -5.35 15.74
C PHE B 24 5.38 -4.57 14.49
N HIS B 25 5.52 -5.21 13.31
CA HIS B 25 5.17 -4.65 12.00
C HIS B 25 3.70 -4.89 11.75
N PHE B 26 2.94 -3.82 11.72
CA PHE B 26 1.50 -4.02 11.61
C PHE B 26 0.79 -3.64 10.27
N CYS B 27 1.40 -2.72 9.54
CA CYS B 27 0.88 -2.22 8.28
C CYS B 27 2.02 -1.78 7.35
N GLY B 28 1.68 -1.62 6.09
CA GLY B 28 2.63 -1.17 5.10
C GLY B 28 2.27 0.25 4.78
N GLY B 29 3.00 0.94 3.96
CA GLY B 29 2.72 2.29 3.59
C GLY B 29 3.55 2.60 2.35
N SER B 30 3.39 3.76 1.75
CA SER B 30 4.20 4.13 0.58
C SER B 30 4.68 5.53 0.76
N LEU B 31 5.98 5.77 0.51
CA LEU B 31 6.51 7.11 0.56
C LEU B 31 6.02 7.84 -0.73
N ILE B 32 5.46 9.05 -0.61
CA ILE B 32 5.01 9.80 -1.79
C ILE B 32 5.94 10.98 -1.95
N ASN B 33 6.77 11.19 -0.91
CA ASN B 33 7.77 12.24 -0.91
C ASN B 33 8.63 12.08 0.29
N GLU B 34 9.62 12.95 0.53
CA GLU B 34 10.45 12.77 1.69
C GLU B 34 9.80 12.98 2.96
N ASN B 35 8.64 13.64 2.94
CA ASN B 35 8.02 13.96 4.18
C ASN B 35 6.67 13.34 4.46
N TRP B 36 6.19 12.48 3.57
CA TRP B 36 4.88 11.99 3.78
C TRP B 36 4.79 10.59 3.31
N VAL B 37 3.99 9.85 4.06
CA VAL B 37 3.70 8.46 3.80
C VAL B 37 2.21 8.33 3.65
N VAL B 38 1.71 7.50 2.70
CA VAL B 38 0.30 7.20 2.56
C VAL B 38 0.09 5.76 3.06
N THR B 39 -0.97 5.54 3.78
CA THR B 39 -1.25 4.24 4.34
C THR B 39 -2.71 4.18 4.49
N ALA B 40 -3.22 3.14 5.11
CA ALA B 40 -4.66 2.96 5.27
C ALA B 40 -5.15 3.52 6.58
N ALA B 41 -6.37 4.08 6.56
CA ALA B 41 -6.96 4.66 7.75
C ALA B 41 -7.21 3.60 8.76
N HIS B 42 -7.68 2.44 8.32
CA HIS B 42 -7.93 1.44 9.28
C HIS B 42 -6.76 0.84 10.01
N CYS B 43 -5.51 1.23 9.65
CA CYS B 43 -4.26 0.77 10.30
C CYS B 43 -4.19 1.38 11.65
N GLY B 44 -4.94 2.45 11.79
CA GLY B 44 -5.02 3.15 13.04
C GLY B 44 -3.68 3.63 13.57
N VAL B 45 -2.87 4.29 12.73
CA VAL B 45 -1.59 4.82 13.16
C VAL B 45 -1.70 6.00 14.18
N THR B 46 -0.81 6.02 15.15
CA THR B 46 -0.78 7.04 16.16
C THR B 46 0.61 7.63 16.03
N THR B 47 0.88 8.78 16.60
CA THR B 47 2.22 9.30 16.53
C THR B 47 3.29 8.62 17.42
N SER B 48 2.98 7.44 18.03
CA SER B 48 3.81 6.58 18.88
C SER B 48 4.30 5.38 18.06
N ASP B 49 3.95 5.41 16.79
CA ASP B 49 4.41 4.38 15.91
C ASP B 49 5.51 4.94 15.05
N VAL B 50 6.21 4.02 14.44
CA VAL B 50 7.31 4.31 13.56
C VAL B 50 7.22 3.69 12.19
N VAL B 51 7.69 4.56 11.29
CA VAL B 51 7.81 4.30 9.84
C VAL B 51 9.21 3.81 9.54
N VAL B 52 9.33 2.58 9.00
CA VAL B 52 10.60 1.99 8.62
C VAL B 52 10.71 2.01 7.13
N ALA B 53 11.78 2.65 6.69
CA ALA B 53 12.13 2.84 5.32
C ALA B 53 13.49 2.11 5.00
N GLY B 54 13.61 1.64 3.76
CA GLY B 54 14.77 0.96 3.19
C GLY B 54 14.95 -0.48 3.60
N GLU B 55 13.95 -1.01 4.21
CA GLU B 55 14.10 -2.35 4.73
C GLU B 55 13.64 -3.41 3.79
N PHE B 56 14.33 -4.55 3.79
CA PHE B 56 13.89 -5.66 2.94
C PHE B 56 13.57 -6.89 3.80
N ASP B 57 14.46 -7.13 4.74
CA ASP B 57 14.38 -8.29 5.52
C ASP B 57 14.06 -7.84 6.89
N GLN B 58 12.92 -8.25 7.42
CA GLN B 58 12.71 -7.78 8.76
C GLN B 58 13.63 -8.47 9.85
N GLY B 59 14.34 -9.65 9.54
CA GLY B 59 15.25 -10.43 10.46
C GLY B 59 16.44 -9.61 11.01
N SER B 60 17.03 -8.91 10.01
CA SER B 60 18.19 -8.02 9.86
C SER B 60 18.51 -6.92 10.88
N SER B 61 19.79 -6.97 11.22
CA SER B 61 20.52 -6.15 12.17
C SER B 61 21.59 -5.26 11.45
N SER B 62 21.85 -5.61 10.18
CA SER B 62 22.89 -5.03 9.32
C SER B 62 22.37 -4.26 8.13
N GLU B 63 21.07 -4.16 8.02
CA GLU B 63 20.51 -3.40 6.95
C GLU B 63 20.59 -1.96 7.45
N LYS B 64 20.64 -0.96 6.53
CA LYS B 64 20.73 0.49 6.79
C LYS B 64 19.35 1.10 6.59
N ILE B 65 18.48 0.73 7.46
CA ILE B 65 17.13 1.18 7.38
C ILE B 65 17.01 2.58 7.97
N GLN B 66 15.94 3.27 7.67
CA GLN B 66 15.73 4.55 8.30
C GLN B 66 14.53 4.37 9.23
N LYS B 67 14.61 4.71 10.54
CA LYS B 67 13.45 4.61 11.49
C LYS B 67 12.91 6.02 11.71
N LEU B 68 11.79 6.32 11.07
CA LEU B 68 11.26 7.68 11.11
C LEU B 68 10.03 7.89 12.01
N LYS B 69 10.11 8.96 12.76
CA LYS B 69 9.03 9.32 13.65
C LYS B 69 7.99 10.05 12.87
N ILE B 70 6.79 9.91 13.36
CA ILE B 70 5.63 10.54 12.78
C ILE B 70 5.22 11.80 13.49
N ALA B 71 5.12 12.93 12.79
CA ALA B 71 4.70 14.15 13.48
C ALA B 71 3.18 14.26 13.66
N LYS B 72 2.47 14.02 12.56
CA LYS B 72 1.06 14.11 12.56
C LYS B 72 0.33 13.10 11.71
N VAL B 73 -0.80 12.63 12.17
CA VAL B 73 -1.59 11.63 11.44
C VAL B 73 -2.74 12.34 10.79
N PHE B 74 -3.00 12.06 9.53
CA PHE B 74 -4.12 12.71 8.87
C PHE B 74 -5.04 11.66 8.33
N LYS B 75 -6.06 11.32 9.06
CA LYS B 75 -7.01 10.34 8.57
C LYS B 75 -8.00 11.10 7.65
N ASN B 76 -8.25 10.62 6.41
CA ASN B 76 -9.19 11.26 5.42
C ASN B 76 -10.54 11.50 6.13
N SER B 77 -11.34 12.53 5.97
CA SER B 77 -12.38 12.39 6.86
C SER B 77 -13.75 12.17 6.39
N LYS B 78 -13.72 11.59 5.23
CA LYS B 78 -14.86 10.96 4.71
C LYS B 78 -14.61 9.47 5.12
N TYR B 79 -13.49 9.10 5.86
CA TYR B 79 -13.24 7.68 6.26
C TYR B 79 -14.40 7.13 7.01
N ASN B 80 -14.93 6.06 6.47
CA ASN B 80 -16.07 5.44 7.05
C ASN B 80 -15.70 4.13 7.65
N SER B 81 -15.56 4.16 8.98
CA SER B 81 -15.21 2.98 9.75
C SER B 81 -16.18 1.77 9.66
N LEU B 82 -17.51 2.02 9.41
CA LEU B 82 -18.52 0.95 9.26
C LEU B 82 -18.28 0.16 7.98
N THR B 83 -18.01 0.89 6.87
CA THR B 83 -17.79 0.33 5.52
C THR B 83 -16.34 0.15 5.02
N ILE B 84 -15.38 0.78 5.76
CA ILE B 84 -13.95 0.87 5.46
C ILE B 84 -13.83 1.60 4.17
N ASN B 85 -14.75 2.48 3.89
CA ASN B 85 -14.66 3.19 2.64
C ASN B 85 -13.84 4.43 2.86
N ASN B 86 -13.12 4.94 1.81
CA ASN B 86 -12.20 6.12 1.89
C ASN B 86 -11.07 5.84 2.86
N ASP B 87 -10.56 4.63 2.75
CA ASP B 87 -9.53 4.12 3.67
C ASP B 87 -8.14 4.57 3.37
N ILE B 88 -7.82 5.82 3.68
CA ILE B 88 -6.50 6.44 3.47
C ILE B 88 -6.17 7.42 4.61
N THR B 89 -4.91 7.40 5.00
CA THR B 89 -4.41 8.32 6.00
C THR B 89 -3.10 8.86 5.52
N LEU B 90 -2.81 10.10 5.83
CA LEU B 90 -1.55 10.68 5.48
C LEU B 90 -0.71 10.76 6.77
N LEU B 91 0.57 10.46 6.65
CA LEU B 91 1.49 10.53 7.78
C LEU B 91 2.54 11.54 7.42
N LYS B 92 2.59 12.57 8.23
CA LYS B 92 3.55 13.64 8.14
C LYS B 92 4.76 13.29 9.06
N LEU B 93 5.96 13.06 8.49
CA LEU B 93 7.11 12.64 9.26
C LEU B 93 7.75 13.81 9.97
N SER B 94 8.33 13.48 11.16
CA SER B 94 9.03 14.43 12.00
C SER B 94 10.39 14.73 11.40
N THR B 95 10.97 13.72 10.81
CA THR B 95 12.15 14.02 10.11
C THR B 95 11.99 13.42 8.75
N ALA B 96 12.51 14.14 7.75
CA ALA B 96 12.46 13.70 6.36
C ALA B 96 13.20 12.36 6.06
N ALA B 97 12.63 11.56 5.14
CA ALA B 97 13.28 10.32 4.70
C ALA B 97 14.52 10.80 3.91
N SER B 98 15.63 10.06 3.94
CA SER B 98 16.75 10.46 3.17
C SER B 98 16.72 9.58 1.93
N PHE B 99 16.48 10.23 0.80
CA PHE B 99 16.38 9.55 -0.47
C PHE B 99 17.74 9.01 -0.95
N SER B 100 17.69 7.76 -1.39
CA SER B 100 18.81 6.97 -1.80
C SER B 100 18.41 5.92 -2.83
N GLN B 101 19.30 5.02 -3.10
CA GLN B 101 19.01 3.97 -4.03
C GLN B 101 17.83 3.07 -3.67
N THR B 102 17.67 2.90 -2.35
CA THR B 102 16.70 2.02 -1.75
C THR B 102 15.50 2.67 -1.12
N VAL B 103 15.52 4.02 -1.05
CA VAL B 103 14.44 4.88 -0.49
C VAL B 103 14.04 6.00 -1.48
N SER B 104 12.87 5.92 -2.12
CA SER B 104 12.44 6.93 -3.03
C SER B 104 10.92 6.97 -3.13
N ALA B 105 10.31 7.88 -3.89
CA ALA B 105 8.83 8.01 -3.93
C ALA B 105 8.10 7.29 -5.04
N VAL B 106 6.85 6.90 -4.78
CA VAL B 106 6.01 6.35 -5.81
C VAL B 106 5.28 7.60 -6.38
N CYS B 107 4.86 7.58 -7.64
CA CYS B 107 4.13 8.72 -8.14
C CYS B 107 2.63 8.65 -7.75
N LEU B 108 1.97 9.80 -7.72
CA LEU B 108 0.51 9.75 -7.51
C LEU B 108 -0.24 9.90 -8.82
N PRO B 109 -1.45 9.30 -8.99
CA PRO B 109 -2.18 9.50 -10.27
C PRO B 109 -2.95 10.85 -10.32
N SER B 110 -3.50 11.21 -11.52
CA SER B 110 -4.40 12.38 -11.66
C SER B 110 -5.73 11.83 -11.30
N ALA B 111 -6.57 12.70 -10.78
CA ALA B 111 -7.90 12.25 -10.42
C ALA B 111 -8.55 11.63 -11.62
N SER B 112 -8.12 12.15 -12.80
CA SER B 112 -8.62 11.80 -14.13
C SER B 112 -8.08 10.48 -14.71
N ASP B 113 -7.18 9.78 -14.01
CA ASP B 113 -6.56 8.55 -14.56
C ASP B 113 -7.42 7.36 -14.80
N ASP B 114 -7.05 6.70 -15.89
CA ASP B 114 -7.75 5.53 -16.24
C ASP B 114 -6.85 4.35 -16.16
N PHE B 115 -7.33 3.41 -15.37
CA PHE B 115 -6.66 2.17 -15.15
C PHE B 115 -7.63 1.09 -15.44
N ALA B 116 -7.52 0.58 -16.63
CA ALA B 116 -8.47 -0.39 -17.16
C ALA B 116 -8.60 -1.72 -16.49
N ALA B 117 -9.78 -2.32 -16.48
CA ALA B 117 -9.79 -3.69 -16.00
C ALA B 117 -8.89 -4.59 -16.88
N GLY B 118 -8.15 -5.52 -16.31
CA GLY B 118 -7.32 -6.33 -17.17
C GLY B 118 -5.85 -5.94 -17.08
N THR B 119 -5.62 -4.71 -16.67
CA THR B 119 -4.31 -4.20 -16.48
C THR B 119 -3.61 -4.98 -15.36
N THR B 120 -2.37 -5.38 -15.66
CA THR B 120 -1.53 -6.12 -14.71
C THR B 120 -0.71 -5.15 -13.86
N CYS B 121 -1.01 -5.16 -12.54
CA CYS B 121 -0.34 -4.29 -11.61
C CYS B 121 0.39 -5.12 -10.63
N VAL B 122 1.05 -4.44 -9.67
CA VAL B 122 1.88 -5.07 -8.64
C VAL B 122 1.48 -4.57 -7.25
N THR B 123 1.47 -5.50 -6.32
CA THR B 123 1.21 -5.23 -4.89
C THR B 123 2.38 -5.85 -4.11
N THR B 124 2.93 -5.17 -3.09
CA THR B 124 4.05 -5.69 -2.32
C THR B 124 3.75 -5.61 -0.81
N GLY B 125 4.45 -6.40 0.00
CA GLY B 125 4.22 -6.32 1.41
C GLY B 125 4.83 -7.46 2.21
N TRP B 126 4.70 -7.37 3.56
CA TRP B 126 5.17 -8.36 4.55
C TRP B 126 4.01 -9.06 5.24
N GLY B 127 2.88 -9.08 4.58
CA GLY B 127 1.75 -9.72 5.17
C GLY B 127 1.83 -11.22 5.06
N LEU B 128 0.85 -11.89 5.65
CA LEU B 128 0.76 -13.35 5.68
C LEU B 128 0.95 -13.98 4.35
N THR B 129 1.79 -15.04 4.29
CA THR B 129 2.01 -15.76 3.04
C THR B 129 1.10 -16.99 2.90
N ARG B 130 0.44 -17.26 4.00
CA ARG B 130 -0.52 -18.34 4.13
C ARG B 130 -1.43 -18.03 5.29
N TYR B 131 -2.68 -18.41 5.14
CA TYR B 131 -3.64 -18.30 6.22
C TYR B 131 -3.76 -19.69 6.91
N THR C 3 4.51 -11.65 8.94
CA THR C 3 5.05 -13.02 8.97
C THR C 3 6.29 -13.38 8.13
N PRO C 4 6.36 -13.17 6.80
CA PRO C 4 7.63 -13.49 6.09
C PRO C 4 8.62 -12.42 6.49
N ASP C 5 9.90 -12.74 6.45
CA ASP C 5 10.85 -11.72 6.82
C ASP C 5 11.19 -10.77 5.69
N ARG C 6 11.32 -11.36 4.50
CA ARG C 6 11.68 -10.66 3.29
C ARG C 6 10.48 -10.22 2.52
N LEU C 7 10.61 -9.04 1.98
CA LEU C 7 9.56 -8.39 1.21
C LEU C 7 9.06 -9.25 0.07
N GLN C 8 7.72 -9.40 -0.02
CA GLN C 8 7.11 -10.17 -1.09
C GLN C 8 6.41 -9.31 -2.15
N GLN C 9 6.21 -9.86 -3.29
CA GLN C 9 5.55 -9.08 -4.29
C GLN C 9 4.69 -10.00 -5.10
N ALA C 10 3.71 -9.45 -5.78
CA ALA C 10 2.87 -10.25 -6.66
C ALA C 10 2.22 -9.40 -7.74
N SER C 11 2.11 -9.98 -8.94
CA SER C 11 1.40 -9.42 -10.09
C SER C 11 -0.07 -9.78 -10.06
N LEU C 12 -0.99 -8.90 -10.35
CA LEU C 12 -2.35 -9.32 -10.35
C LEU C 12 -3.14 -8.35 -11.18
N PRO C 13 -4.23 -8.77 -11.76
CA PRO C 13 -4.92 -7.84 -12.62
C PRO C 13 -5.95 -6.97 -11.94
N LEU C 14 -6.23 -5.85 -12.56
CA LEU C 14 -7.34 -5.00 -12.10
C LEU C 14 -8.71 -5.54 -12.60
N LEU C 15 -9.76 -5.45 -11.74
CA LEU C 15 -11.09 -5.89 -12.09
C LEU C 15 -11.93 -4.64 -12.16
N SER C 16 -13.15 -4.70 -12.75
CA SER C 16 -14.08 -3.58 -12.73
C SER C 16 -14.92 -3.70 -11.44
N ASN C 17 -15.45 -2.58 -11.00
CA ASN C 17 -16.28 -2.51 -9.80
C ASN C 17 -17.49 -3.41 -10.05
N THR C 18 -18.00 -3.28 -11.23
CA THR C 18 -19.13 -4.09 -11.58
C THR C 18 -18.94 -5.55 -11.43
N ASN C 19 -17.80 -6.04 -11.90
CA ASN C 19 -17.50 -7.47 -11.85
C ASN C 19 -17.11 -7.84 -10.43
N CYS C 20 -16.48 -6.81 -9.74
CA CYS C 20 -16.06 -6.90 -8.34
C CYS C 20 -17.27 -7.17 -7.50
N LYS C 21 -18.36 -6.45 -7.81
CA LYS C 21 -19.64 -6.63 -7.15
C LYS C 21 -20.25 -8.01 -7.26
N LYS C 22 -19.76 -8.81 -8.16
CA LYS C 22 -20.29 -10.16 -8.18
C LYS C 22 -19.81 -10.95 -6.99
N TYR C 23 -18.70 -10.52 -6.41
CA TYR C 23 -18.12 -11.26 -5.35
C TYR C 23 -18.55 -10.72 -4.01
N TRP C 24 -18.45 -9.38 -3.98
CA TRP C 24 -18.64 -8.52 -2.79
C TRP C 24 -19.91 -7.69 -2.64
N GLY C 25 -20.75 -7.72 -3.63
CA GLY C 25 -21.99 -6.96 -3.62
C GLY C 25 -21.81 -5.47 -3.33
N THR C 26 -22.73 -5.00 -2.48
CA THR C 26 -22.88 -3.64 -2.06
C THR C 26 -21.78 -3.08 -1.19
N LYS C 27 -20.88 -3.94 -0.76
CA LYS C 27 -19.76 -3.58 0.04
C LYS C 27 -18.77 -2.79 -0.75
N ILE C 28 -18.82 -2.99 -2.10
CA ILE C 28 -17.93 -2.30 -3.05
C ILE C 28 -18.48 -0.93 -3.32
N LYS C 29 -17.74 0.08 -2.87
CA LYS C 29 -18.10 1.49 -2.98
C LYS C 29 -17.30 2.20 -4.03
N ASP C 30 -17.60 3.46 -4.35
CA ASP C 30 -16.83 4.14 -5.41
C ASP C 30 -15.35 4.29 -5.22
N ALA C 31 -15.00 4.56 -3.95
CA ALA C 31 -13.63 4.75 -3.54
C ALA C 31 -12.86 3.48 -3.28
N MET C 32 -13.36 2.42 -3.84
CA MET C 32 -12.70 1.15 -3.82
C MET C 32 -12.43 0.64 -5.26
N ILE C 33 -11.43 -0.23 -5.37
CA ILE C 33 -10.97 -0.86 -6.61
C ILE C 33 -10.58 -2.29 -6.34
N CYS C 34 -11.05 -3.27 -7.11
CA CYS C 34 -10.67 -4.61 -6.81
C CYS C 34 -9.55 -5.14 -7.67
N ALA C 35 -8.79 -6.12 -7.23
CA ALA C 35 -7.75 -6.69 -8.04
C ALA C 35 -7.43 -8.09 -7.57
N GLY C 36 -6.92 -8.96 -8.40
CA GLY C 36 -6.59 -10.23 -7.88
C GLY C 36 -7.52 -11.23 -8.42
N ALA C 37 -7.88 -12.29 -7.66
CA ALA C 37 -8.78 -13.39 -8.07
C ALA C 37 -8.14 -14.21 -9.16
N SER C 38 -6.83 -14.12 -9.08
CA SER C 38 -5.90 -14.67 -10.04
C SER C 38 -4.94 -15.75 -9.60
N GLY C 39 -5.13 -16.31 -8.42
CA GLY C 39 -4.23 -17.29 -7.86
C GLY C 39 -3.27 -16.59 -6.88
N VAL C 40 -3.47 -15.29 -6.63
CA VAL C 40 -2.64 -14.56 -5.62
C VAL C 40 -3.57 -13.78 -4.77
N SER C 41 -3.09 -13.33 -3.61
CA SER C 41 -3.93 -12.49 -2.76
C SER C 41 -3.10 -11.67 -1.77
N SER C 42 -3.49 -10.37 -1.52
CA SER C 42 -2.96 -9.53 -0.46
C SER C 42 -3.51 -10.23 0.85
N CYS C 43 -2.94 -10.01 2.01
CA CYS C 43 -3.39 -10.72 3.25
C CYS C 43 -3.18 -9.83 4.45
N MET C 44 -3.61 -10.36 5.59
CA MET C 44 -3.47 -9.64 6.80
C MET C 44 -2.04 -9.19 6.96
N GLY C 45 -1.84 -7.90 7.29
CA GLY C 45 -0.45 -7.52 7.41
C GLY C 45 0.03 -6.73 6.19
N ASP C 46 -0.64 -6.96 5.06
CA ASP C 46 -0.31 -6.19 3.88
C ASP C 46 -1.02 -4.81 3.88
N SER C 47 -2.16 -4.58 4.65
CA SER C 47 -2.92 -3.36 4.67
C SER C 47 -2.14 -2.15 4.70
N GLY C 48 -2.58 -1.12 3.98
CA GLY C 48 -1.83 0.10 4.00
C GLY C 48 -0.75 0.15 2.86
N GLY C 49 -0.29 -0.98 2.39
CA GLY C 49 0.74 -1.05 1.35
C GLY C 49 0.18 -0.70 -0.05
N PRO C 50 1.10 -0.60 -1.00
CA PRO C 50 0.76 -0.16 -2.36
C PRO C 50 0.25 -1.21 -3.33
N LEU C 51 -0.56 -0.73 -4.33
CA LEU C 51 -0.96 -1.51 -5.43
C LEU C 51 -0.48 -0.62 -6.59
N VAL C 52 0.62 -0.95 -7.25
CA VAL C 52 1.13 -0.04 -8.30
C VAL C 52 0.99 -0.57 -9.71
N CYS C 53 0.75 0.40 -10.60
CA CYS C 53 0.62 0.21 -12.04
C CYS C 53 1.60 1.15 -12.74
N LYS C 54 2.16 0.62 -13.87
CA LYS C 54 3.13 1.36 -14.70
C LYS C 54 2.39 2.24 -15.68
N LYS C 55 2.67 3.52 -15.60
CA LYS C 55 2.04 4.52 -16.43
C LYS C 55 3.08 5.37 -17.04
N ASN C 56 3.21 5.33 -18.38
CA ASN C 56 4.19 6.11 -19.11
C ASN C 56 5.55 5.88 -18.52
N GLY C 57 5.85 4.61 -18.20
CA GLY C 57 7.15 4.22 -17.63
C GLY C 57 7.39 4.43 -16.12
N ALA C 58 6.45 5.01 -15.38
CA ALA C 58 6.67 5.22 -13.95
C ALA C 58 5.61 4.48 -13.13
N TRP C 59 6.05 3.90 -12.02
CA TRP C 59 5.11 3.20 -11.17
C TRP C 59 4.24 4.21 -10.48
N THR C 60 2.95 3.97 -10.61
CA THR C 60 1.92 4.84 -10.03
C THR C 60 1.06 4.11 -9.02
N LEU C 61 0.82 4.86 -7.92
CA LEU C 61 -0.04 4.43 -6.83
C LEU C 61 -1.50 4.43 -7.20
N VAL C 62 -1.99 3.24 -7.47
CA VAL C 62 -3.34 3.10 -7.91
C VAL C 62 -4.36 2.63 -6.80
N GLY C 63 -3.88 1.76 -5.88
CA GLY C 63 -4.68 1.20 -4.77
C GLY C 63 -3.89 1.17 -3.51
N ILE C 64 -4.58 1.18 -2.36
CA ILE C 64 -3.95 1.05 -1.06
C ILE C 64 -4.55 -0.23 -0.47
N VAL C 65 -3.74 -1.30 -0.11
CA VAL C 65 -4.31 -2.53 0.49
C VAL C 65 -5.26 -2.21 1.68
N SER C 66 -6.49 -2.63 1.48
CA SER C 66 -7.66 -2.38 2.35
C SER C 66 -8.25 -3.63 2.97
N TRP C 67 -9.02 -4.42 2.24
CA TRP C 67 -9.61 -5.56 2.91
C TRP C 67 -9.92 -6.64 1.92
N GLY C 68 -10.43 -7.76 2.29
CA GLY C 68 -10.72 -8.79 1.30
C GLY C 68 -11.25 -9.94 2.07
N SER C 69 -11.08 -11.13 1.55
CA SER C 69 -11.50 -12.36 2.15
C SER C 69 -10.83 -12.63 3.51
N SER C 70 -11.51 -13.23 4.50
CA SER C 70 -10.90 -13.48 5.82
C SER C 70 -9.79 -14.51 5.76
N THR C 71 -9.89 -15.38 4.78
CA THR C 71 -8.90 -16.43 4.59
C THR C 71 -7.90 -16.20 3.49
N CYS C 72 -7.89 -14.99 2.88
CA CYS C 72 -7.00 -14.63 1.81
C CYS C 72 -7.12 -15.54 0.60
N SER C 73 -8.34 -15.90 0.31
CA SER C 73 -8.62 -16.79 -0.80
C SER C 73 -8.08 -16.22 -2.11
N THR C 74 -7.27 -17.02 -2.81
CA THR C 74 -6.66 -16.60 -4.06
C THR C 74 -7.65 -16.55 -5.24
N SER C 75 -8.89 -17.04 -5.03
CA SER C 75 -9.96 -16.98 -6.04
C SER C 75 -10.94 -15.84 -5.84
N THR C 76 -10.68 -14.92 -4.90
CA THR C 76 -11.59 -13.80 -4.61
C THR C 76 -10.73 -12.56 -4.73
N PRO C 77 -11.33 -11.51 -5.25
CA PRO C 77 -10.55 -10.33 -5.40
C PRO C 77 -10.26 -9.61 -4.07
N GLY C 78 -9.07 -8.98 -3.90
CA GLY C 78 -8.75 -8.16 -2.76
C GLY C 78 -9.38 -6.79 -3.08
N VAL C 79 -9.59 -5.92 -2.06
CA VAL C 79 -10.19 -4.60 -2.18
C VAL C 79 -9.21 -3.58 -1.67
N TYR C 80 -8.94 -2.64 -2.52
CA TYR C 80 -7.98 -1.62 -2.24
C TYR C 80 -8.66 -0.29 -2.25
N ALA C 81 -8.07 0.67 -1.59
CA ALA C 81 -8.64 1.95 -1.66
C ALA C 81 -8.33 2.49 -3.04
N ARG C 82 -9.29 3.08 -3.72
CA ARG C 82 -9.03 3.67 -5.09
C ARG C 82 -8.37 5.04 -4.95
N VAL C 83 -7.07 5.13 -5.27
CA VAL C 83 -6.34 6.38 -5.13
C VAL C 83 -6.80 7.59 -6.00
N THR C 84 -7.28 7.37 -7.20
CA THR C 84 -7.74 8.45 -8.10
C THR C 84 -8.91 9.22 -7.46
N ALA C 85 -9.65 8.49 -6.68
CA ALA C 85 -10.81 9.00 -5.97
C ALA C 85 -10.47 9.75 -4.77
N LEU C 86 -9.25 9.62 -4.31
CA LEU C 86 -8.81 10.19 -3.08
C LEU C 86 -7.65 11.16 -3.20
N VAL C 87 -7.12 11.31 -4.44
CA VAL C 87 -5.98 12.15 -4.70
C VAL C 87 -6.15 13.61 -4.45
N ASN C 88 -7.40 14.11 -4.70
CA ASN C 88 -7.68 15.50 -4.44
C ASN C 88 -7.49 15.81 -2.99
N TRP C 89 -7.96 14.90 -2.16
CA TRP C 89 -7.78 14.99 -0.72
C TRP C 89 -6.28 15.03 -0.34
N VAL C 90 -5.47 14.08 -0.88
CA VAL C 90 -4.03 14.10 -0.64
C VAL C 90 -3.38 15.44 -0.95
N GLN C 91 -3.62 16.04 -2.17
CA GLN C 91 -3.03 17.32 -2.59
C GLN C 91 -3.48 18.47 -1.69
N GLN C 92 -4.76 18.48 -1.29
CA GLN C 92 -5.22 19.52 -0.38
C GLN C 92 -4.48 19.44 0.96
N THR C 93 -4.31 18.23 1.50
CA THR C 93 -3.61 18.08 2.77
C THR C 93 -2.19 18.47 2.67
N LEU C 94 -1.52 18.00 1.59
CA LEU C 94 -0.11 18.37 1.41
C LEU C 94 0.02 19.88 1.36
N ALA C 95 -0.83 20.49 0.50
CA ALA C 95 -0.88 21.92 0.25
C ALA C 95 -1.08 22.76 1.47
N ALA C 96 -2.00 22.34 2.32
CA ALA C 96 -2.31 23.05 3.54
C ALA C 96 -1.33 22.78 4.71
N ASN C 97 -0.58 21.66 4.61
CA ASN C 97 0.34 21.25 5.66
C ASN C 97 1.87 21.37 5.40
C UNK D 1 -16.70 -11.96 4.36
N PRO D 2 -16.05 -10.93 4.95
CA PRO D 2 -14.70 -10.38 4.64
C PRO D 2 -13.85 -10.03 5.84
N GLY D 3 -12.64 -9.46 5.62
CA GLY D 3 -11.81 -9.05 6.76
C GLY D 3 -10.84 -7.90 6.48
N ALA D 4 -10.51 -7.05 7.43
CA ALA D 4 -9.57 -5.97 7.14
C ALA D 4 -8.10 -6.53 6.96
N TYR D 5 -7.16 -5.94 6.09
CA TYR D 5 -5.79 -6.50 5.79
C TYR D 5 -4.47 -5.77 6.20
S SO4 E . -9.46 16.66 6.33
O1 SO4 E . -7.99 16.46 6.41
O2 SO4 E . -9.70 17.84 5.48
O3 SO4 E . -10.21 15.53 5.78
O4 SO4 E . -10.02 16.84 7.65
S SO4 F . 13.23 -4.16 11.93
O1 SO4 F . 14.08 -3.30 12.73
O2 SO4 F . 12.51 -3.28 10.98
O3 SO4 F . 14.05 -5.21 11.27
O4 SO4 F . 12.28 -4.85 12.77
#